data_5YNQ
#
_entry.id   5YNQ
#
_cell.length_a   66.874
_cell.length_b   70.101
_cell.length_c   118.937
_cell.angle_alpha   90.00
_cell.angle_beta   90.00
_cell.angle_gamma   90.00
#
_symmetry.space_group_name_H-M   'P 21 2 21'
#
loop_
_entity.id
_entity.type
_entity.pdbx_description
1 polymer 'nsp16 protein'
2 polymer 'nsp10 protein'
3 non-polymer S-ADENOSYL-L-HOMOCYSTEINE
4 non-polymer "7-METHYL-GUANOSINE-5'-TRIPHOSPHATE-5'-GUANOSINE"
5 non-polymer 'ZINC ION'
6 water water
#
loop_
_entity_poly.entity_id
_entity_poly.type
_entity_poly.pdbx_seq_one_letter_code
_entity_poly.pdbx_strand_id
1 'polypeptide(L)'
;ASADWKPGHAMPSLFKVQNVNLERCELANYKQSIPMPRGVHMNIAKYMQLCQYLNTCTLAVPANMRVIHFGAGSDKGIAP
GTSVLRQWLPTDAIIIDNDLNEFVSDADITLFGDCVTVRVGQQVDLVISDMYDPTTKNVTGSNESKALFFTYLCNLINNN
LALGGSVAIKITEHSWSVELYELMGKFAWWTVFCTNANASSSEGFLLGINYLGTIKENIDGGAMHANYIFWRNSTPMNLS
TYSLFDLSKFQLKLKGTPVLQLKESQINELVISLLSQGKLLIRDNDTLSVSTDVLVNTYRKLR
;
A
2 'polypeptide(L)'
;AGSNTEFASNSSVLSLVNFTVDPQKAYLDFVNAGGAPLTNCVKMLTPKTGTGIAISVKPESTADQETYGGASVCLYCRAH
IEHPDVSGVCKYKGKFVQIPAQCVRDPVGFCLSNTPCNVCQYWIGYGCNCDSLRQAALPQ
;
B
#
loop_
_chem_comp.id
_chem_comp.type
_chem_comp.name
_chem_comp.formula
GTG non-polymer 7-METHYL-GUANOSINE-5'-TRIPHOSPHATE-5'-GUANOSINE 'C21 H30 N10 O18 P3 1'
ZN non-polymer 'ZINC ION' 'Zn 2'
#
# COMPACT_ATOMS: atom_id res chain seq x y z
N ALA A 1 20.28 18.64 -6.97
CA ALA A 1 19.33 17.68 -7.54
C ALA A 1 18.12 17.51 -6.62
N SER A 2 17.41 18.61 -6.40
CA SER A 2 16.35 18.63 -5.38
C SER A 2 15.31 17.54 -5.61
N ALA A 3 14.86 17.39 -6.86
CA ALA A 3 13.77 16.46 -7.14
C ALA A 3 14.14 15.02 -6.78
N ASP A 4 15.43 14.70 -6.84
CA ASP A 4 15.86 13.34 -6.49
C ASP A 4 15.60 13.03 -5.02
N TRP A 5 15.61 14.05 -4.16
CA TRP A 5 15.33 13.86 -2.75
C TRP A 5 13.84 13.91 -2.44
N LYS A 6 13.01 14.34 -3.39
CA LYS A 6 11.57 14.24 -3.25
C LYS A 6 11.12 12.81 -3.51
N PRO A 7 9.96 12.42 -2.97
CA PRO A 7 9.47 11.04 -3.23
C PRO A 7 9.08 10.80 -4.69
N GLY A 8 8.86 11.85 -5.47
CA GLY A 8 8.44 11.69 -6.85
C GLY A 8 7.95 13.02 -7.40
N HIS A 9 7.23 12.95 -8.52
CA HIS A 9 6.72 14.12 -9.21
C HIS A 9 5.20 14.09 -9.26
N ALA A 10 4.58 15.25 -9.04
CA ALA A 10 3.13 15.40 -9.13
C ALA A 10 2.78 16.25 -10.35
N MET A 11 1.77 15.83 -11.08
CA MET A 11 1.36 16.53 -12.29
C MET A 11 0.99 17.97 -11.98
N PRO A 12 1.66 18.95 -12.58
CA PRO A 12 1.35 20.35 -12.30
C PRO A 12 0.20 20.88 -13.13
N SER A 13 -0.41 21.96 -12.62
CA SER A 13 -1.50 22.59 -13.35
C SER A 13 -1.04 23.05 -14.74
N LEU A 14 0.26 23.32 -14.91
CA LEU A 14 0.79 23.68 -16.22
C LEU A 14 0.35 22.68 -17.29
N PHE A 15 0.35 21.39 -16.96
CA PHE A 15 -0.07 20.39 -17.93
C PHE A 15 -1.53 19.97 -17.80
N LYS A 16 -2.14 20.18 -16.63
CA LYS A 16 -3.56 19.93 -16.49
C LYS A 16 -4.38 20.77 -17.47
N VAL A 17 -3.93 22.00 -17.75
CA VAL A 17 -4.73 22.92 -18.57
C VAL A 17 -4.42 22.85 -20.05
N GLN A 18 -3.57 21.91 -20.47
CA GLN A 18 -3.23 21.82 -21.89
C GLN A 18 -4.39 21.18 -22.66
N ASN A 19 -4.29 21.25 -23.99
CA ASN A 19 -5.31 20.70 -24.88
C ASN A 19 -4.56 20.09 -26.06
N VAL A 20 -4.33 18.78 -25.99
CA VAL A 20 -3.47 18.07 -26.92
C VAL A 20 -4.12 16.74 -27.27
N ASN A 21 -3.66 16.17 -28.38
CA ASN A 21 -4.06 14.82 -28.73
C ASN A 21 -3.33 13.82 -27.85
N LEU A 22 -3.93 12.63 -27.71
CA LEU A 22 -3.27 11.55 -26.99
C LEU A 22 -2.16 10.97 -27.85
N GLU A 23 -0.94 10.98 -27.33
CA GLU A 23 0.22 10.50 -28.06
C GLU A 23 0.81 9.28 -27.37
N ARG A 24 1.69 8.58 -28.08
CA ARG A 24 2.45 7.50 -27.48
C ARG A 24 3.32 8.04 -26.36
N CYS A 25 3.44 7.28 -25.28
CA CYS A 25 4.31 7.65 -24.18
C CYS A 25 5.70 7.13 -24.48
N GLU A 26 6.69 8.02 -24.51
CA GLU A 26 8.07 7.68 -24.86
C GLU A 26 8.97 8.23 -23.77
N LEU A 27 9.39 7.36 -22.86
CA LEU A 27 10.26 7.75 -21.75
C LEU A 27 11.69 7.42 -22.11
N ALA A 28 12.60 8.38 -21.86
CA ALA A 28 14.00 8.19 -22.24
C ALA A 28 14.65 7.05 -21.46
N ASN A 29 14.24 6.82 -20.22
CA ASN A 29 14.82 5.78 -19.39
C ASN A 29 13.91 4.56 -19.28
N TYR A 30 13.01 4.36 -20.25
CA TYR A 30 11.98 3.33 -20.14
C TYR A 30 12.56 1.97 -19.78
N LYS A 31 11.97 1.35 -18.75
CA LYS A 31 12.29 0.02 -18.25
C LYS A 31 13.61 -0.03 -17.49
N GLN A 32 14.34 1.08 -17.43
CA GLN A 32 15.51 1.17 -16.56
C GLN A 32 15.09 0.88 -15.12
N SER A 33 15.92 0.14 -14.40
CA SER A 33 15.60 -0.30 -13.05
C SER A 33 16.60 0.29 -12.07
N ILE A 34 16.10 0.72 -10.92
CA ILE A 34 17.07 1.10 -9.90
C ILE A 34 17.27 -0.05 -8.91
N PRO A 35 18.49 -0.32 -8.47
CA PRO A 35 18.67 -1.36 -7.47
C PRO A 35 18.07 -0.94 -6.14
N MET A 36 17.60 -1.93 -5.40
CA MET A 36 17.12 -1.75 -4.04
C MET A 36 18.17 -2.20 -3.05
N PRO A 37 18.11 -1.73 -1.79
CA PRO A 37 18.97 -2.30 -0.75
C PRO A 37 18.73 -3.80 -0.58
N VAL A 40 15.15 -6.11 -0.32
CA VAL A 40 14.04 -5.16 -0.26
C VAL A 40 13.30 -5.10 -1.59
N HIS A 41 12.03 -5.49 -1.59
CA HIS A 41 11.23 -5.47 -2.81
C HIS A 41 11.09 -4.05 -3.34
N MET A 42 11.09 -3.91 -4.66
CA MET A 42 10.92 -2.59 -5.27
C MET A 42 9.63 -1.93 -4.78
N ASN A 43 8.56 -2.71 -4.63
CA ASN A 43 7.29 -2.15 -4.19
C ASN A 43 7.35 -1.59 -2.78
N ILE A 44 8.38 -1.95 -2.00
CA ILE A 44 8.60 -1.26 -0.73
C ILE A 44 8.92 0.21 -0.98
N ALA A 45 9.89 0.48 -1.86
CA ALA A 45 10.24 1.86 -2.17
C ALA A 45 9.07 2.59 -2.84
N LYS A 46 8.35 1.90 -3.72
CA LYS A 46 7.27 2.54 -4.45
C LYS A 46 6.15 2.99 -3.51
N TYR A 47 5.71 2.10 -2.62
CA TYR A 47 4.64 2.44 -1.70
C TYR A 47 5.09 3.49 -0.69
N MET A 48 6.32 3.39 -0.20
CA MET A 48 6.80 4.38 0.76
C MET A 48 6.79 5.78 0.14
N GLN A 49 7.21 5.88 -1.12
CA GLN A 49 7.24 7.19 -1.77
C GLN A 49 5.83 7.72 -2.01
N LEU A 50 4.89 6.83 -2.36
CA LEU A 50 3.49 7.24 -2.43
C LEU A 50 3.00 7.77 -1.09
N CYS A 51 3.33 7.05 -0.01
CA CYS A 51 2.94 7.48 1.33
C CYS A 51 3.60 8.82 1.70
N GLN A 52 4.87 8.99 1.33
CA GLN A 52 5.55 10.26 1.61
C GLN A 52 4.85 11.42 0.92
N TYR A 53 4.40 11.21 -0.32
CA TYR A 53 3.70 12.31 -0.98
C TYR A 53 2.36 12.57 -0.32
N LEU A 54 1.66 11.50 0.07
CA LEU A 54 0.39 11.68 0.77
C LEU A 54 0.57 12.34 2.13
N ASN A 55 1.76 12.24 2.71
CA ASN A 55 2.06 13.01 3.93
C ASN A 55 2.02 14.52 3.67
N THR A 56 2.12 14.95 2.41
CA THR A 56 2.04 16.37 2.10
C THR A 56 0.64 16.78 1.65
N CYS A 57 -0.30 15.85 1.59
CA CYS A 57 -1.68 16.13 1.20
C CYS A 57 -2.56 16.27 2.43
N THR A 58 -3.73 16.90 2.26
CA THR A 58 -4.66 17.11 3.36
C THR A 58 -5.49 15.86 3.63
N LEU A 59 -4.82 14.73 3.85
CA LEU A 59 -5.53 13.49 4.12
C LEU A 59 -6.30 13.59 5.44
N ALA A 60 -7.50 13.05 5.45
CA ALA A 60 -8.23 12.86 6.70
C ALA A 60 -7.71 11.61 7.38
N VAL A 61 -7.33 11.75 8.65
CA VAL A 61 -6.75 10.65 9.42
C VAL A 61 -7.52 10.50 10.72
N PRO A 62 -8.63 9.76 10.73
CA PRO A 62 -9.40 9.58 11.96
C PRO A 62 -8.87 8.40 12.76
N ALA A 63 -9.45 8.24 13.96
CA ALA A 63 -9.31 6.98 14.66
C ALA A 63 -10.06 5.89 13.91
N ASN A 64 -9.60 4.64 14.06
CA ASN A 64 -10.22 3.49 13.40
C ASN A 64 -10.35 3.71 11.89
N MET A 65 -9.31 4.29 11.31
CA MET A 65 -9.29 4.67 9.91
C MET A 65 -9.53 3.46 9.01
N ARG A 66 -10.40 3.63 8.01
CA ARG A 66 -10.81 2.53 7.14
C ARG A 66 -10.07 2.64 5.80
N VAL A 67 -9.16 1.69 5.56
CA VAL A 67 -8.33 1.68 4.37
C VAL A 67 -8.56 0.38 3.61
N ILE A 68 -8.84 0.48 2.32
CA ILE A 68 -8.98 -0.70 1.47
C ILE A 68 -7.89 -0.65 0.40
N HIS A 69 -7.19 -1.77 0.21
CA HIS A 69 -6.01 -1.83 -0.64
C HIS A 69 -6.22 -2.92 -1.69
N PHE A 70 -6.52 -2.52 -2.93
CA PHE A 70 -6.79 -3.45 -4.01
C PHE A 70 -5.51 -3.73 -4.80
N GLY A 71 -5.43 -4.95 -5.33
CA GLY A 71 -4.23 -5.36 -6.05
C GLY A 71 -3.03 -5.50 -5.14
N ALA A 72 -3.22 -6.01 -3.93
CA ALA A 72 -2.17 -6.05 -2.92
C ALA A 72 -1.22 -7.22 -3.09
N GLY A 73 -1.56 -8.21 -3.89
CA GLY A 73 -0.76 -9.41 -3.98
C GLY A 73 0.28 -9.37 -5.09
N SER A 74 1.25 -10.28 -4.98
CA SER A 74 2.27 -10.45 -6.00
C SER A 74 2.38 -11.92 -6.34
N ASP A 75 3.09 -12.22 -7.44
CA ASP A 75 3.32 -13.61 -7.81
C ASP A 75 4.17 -14.35 -6.78
N LYS A 76 4.68 -13.66 -5.77
CA LYS A 76 5.40 -14.28 -4.68
C LYS A 76 4.51 -14.67 -3.52
N GLY A 77 3.22 -14.36 -3.58
CA GLY A 77 2.31 -14.66 -2.48
C GLY A 77 2.46 -13.75 -1.27
N ILE A 78 3.18 -12.64 -1.40
CA ILE A 78 3.34 -11.68 -0.31
C ILE A 78 2.75 -10.34 -0.75
N ALA A 79 2.75 -9.36 0.14
CA ALA A 79 2.14 -8.05 -0.14
C ALA A 79 3.00 -6.95 0.47
N PRO A 80 4.12 -6.62 -0.19
CA PRO A 80 5.01 -5.59 0.38
C PRO A 80 4.30 -4.26 0.61
N GLY A 81 3.40 -3.87 -0.29
CA GLY A 81 2.71 -2.60 -0.13
C GLY A 81 1.82 -2.56 1.10
N THR A 82 1.12 -3.66 1.38
CA THR A 82 0.28 -3.71 2.57
C THR A 82 1.12 -3.55 3.85
N SER A 83 2.31 -4.16 3.89
CA SER A 83 3.18 -3.96 5.03
C SER A 83 3.61 -2.50 5.16
N VAL A 84 3.89 -1.84 4.03
CA VAL A 84 4.24 -0.43 4.08
C VAL A 84 3.08 0.40 4.63
N LEU A 85 1.86 0.08 4.21
CA LEU A 85 0.68 0.76 4.77
C LEU A 85 0.58 0.53 6.26
N ARG A 86 0.83 -0.70 6.71
CA ARG A 86 0.84 -0.97 8.15
C ARG A 86 1.88 -0.12 8.86
N GLN A 87 3.05 0.06 8.24
CA GLN A 87 4.09 0.90 8.83
C GLN A 87 3.70 2.36 8.83
N TRP A 88 2.94 2.80 7.84
CA TRP A 88 2.61 4.20 7.63
C TRP A 88 1.42 4.65 8.46
N LEU A 89 0.36 3.84 8.48
CA LEU A 89 -0.93 4.24 9.03
C LEU A 89 -0.92 4.20 10.55
N PRO A 90 -1.88 4.88 11.18
CA PRO A 90 -2.05 4.73 12.63
C PRO A 90 -2.23 3.26 13.01
N THR A 91 -1.81 2.95 14.25
CA THR A 91 -1.86 1.56 14.71
C THR A 91 -3.30 1.04 14.75
N ASP A 92 -4.27 1.91 15.00
CA ASP A 92 -5.67 1.50 15.06
C ASP A 92 -6.37 1.58 13.70
N ALA A 93 -5.63 1.81 12.62
CA ALA A 93 -6.23 1.80 11.30
C ALA A 93 -6.61 0.37 10.89
N ILE A 94 -7.70 0.25 10.14
CA ILE A 94 -8.17 -1.03 9.64
C ILE A 94 -7.77 -1.15 8.19
N ILE A 95 -6.98 -2.17 7.85
CA ILE A 95 -6.54 -2.40 6.48
C ILE A 95 -7.26 -3.63 5.94
N ILE A 96 -7.98 -3.44 4.84
CA ILE A 96 -8.54 -4.54 4.06
C ILE A 96 -7.81 -4.58 2.73
N ASP A 97 -7.26 -5.74 2.38
CA ASP A 97 -6.63 -5.83 1.07
C ASP A 97 -7.22 -6.98 0.27
N ASN A 98 -6.95 -6.95 -1.03
CA ASN A 98 -7.63 -7.84 -1.96
C ASN A 98 -6.75 -8.04 -3.18
N ASP A 99 -6.85 -9.21 -3.79
CA ASP A 99 -6.18 -9.48 -5.05
C ASP A 99 -6.80 -10.71 -5.69
N LEU A 100 -6.61 -10.84 -6.99
CA LEU A 100 -7.11 -12.02 -7.72
C LEU A 100 -6.49 -13.30 -7.18
N ASN A 101 -5.21 -13.25 -6.83
CA ASN A 101 -4.46 -14.45 -6.49
C ASN A 101 -4.17 -14.51 -5.00
N GLU A 102 -3.88 -15.72 -4.53
CA GLU A 102 -3.65 -15.97 -3.12
C GLU A 102 -2.39 -15.25 -2.63
N PHE A 103 -2.46 -14.74 -1.41
CA PHE A 103 -1.32 -14.09 -0.79
C PHE A 103 -1.58 -14.01 0.71
N VAL A 104 -0.52 -13.75 1.46
CA VAL A 104 -0.64 -13.46 2.88
C VAL A 104 -0.06 -12.09 3.15
N SER A 105 -0.67 -11.38 4.09
CA SER A 105 -0.32 -9.98 4.31
C SER A 105 -0.56 -9.63 5.77
N ASP A 106 -0.10 -8.44 6.14
CA ASP A 106 -0.33 -7.89 7.47
C ASP A 106 -1.59 -7.06 7.56
N ALA A 107 -2.53 -7.28 6.66
CA ALA A 107 -3.82 -6.59 6.72
C ALA A 107 -4.69 -7.20 7.82
N ASP A 108 -5.69 -6.43 8.25
CA ASP A 108 -6.68 -6.96 9.17
C ASP A 108 -7.60 -7.96 8.48
N ILE A 109 -8.01 -7.68 7.25
CA ILE A 109 -8.89 -8.53 6.47
C ILE A 109 -8.29 -8.71 5.09
N THR A 110 -8.18 -9.96 4.63
CA THR A 110 -7.65 -10.25 3.31
C THR A 110 -8.66 -11.07 2.53
N LEU A 111 -9.01 -10.58 1.34
CA LEU A 111 -10.05 -11.18 0.51
C LEU A 111 -9.45 -11.56 -0.84
N PHE A 112 -9.65 -12.82 -1.24
CA PHE A 112 -9.16 -13.33 -2.51
C PHE A 112 -10.25 -13.24 -3.57
N GLY A 113 -9.83 -13.00 -4.81
CA GLY A 113 -10.73 -12.99 -5.94
C GLY A 113 -10.85 -11.60 -6.54
N ASP A 114 -11.66 -11.53 -7.60
CA ASP A 114 -11.91 -10.28 -8.30
C ASP A 114 -12.40 -9.21 -7.34
N CYS A 115 -11.90 -7.98 -7.51
CA CYS A 115 -12.30 -6.90 -6.64
C CYS A 115 -13.81 -6.68 -6.68
N VAL A 116 -14.45 -7.08 -7.78
CA VAL A 116 -15.91 -7.00 -7.89
C VAL A 116 -16.59 -7.81 -6.79
N THR A 117 -15.95 -8.88 -6.31
CA THR A 117 -16.52 -9.68 -5.23
C THR A 117 -16.39 -9.01 -3.86
N VAL A 118 -15.64 -7.93 -3.74
CA VAL A 118 -15.43 -7.27 -2.45
C VAL A 118 -16.63 -6.35 -2.18
N ARG A 119 -17.49 -6.76 -1.25
CA ARG A 119 -18.65 -5.96 -0.85
C ARG A 119 -18.27 -5.08 0.32
N VAL A 120 -18.24 -3.77 0.09
CA VAL A 120 -18.05 -2.80 1.15
C VAL A 120 -19.43 -2.38 1.63
N GLY A 121 -19.80 -2.83 2.84
CA GLY A 121 -21.10 -2.48 3.38
C GLY A 121 -21.20 -1.05 3.85
N GLN A 122 -20.08 -0.47 4.26
CA GLN A 122 -20.06 0.89 4.79
C GLN A 122 -19.25 1.80 3.89
N GLN A 123 -18.82 2.95 4.40
CA GLN A 123 -17.98 3.86 3.63
C GLN A 123 -16.58 3.89 4.25
N VAL A 124 -15.57 3.99 3.39
CA VAL A 124 -14.18 3.90 3.82
C VAL A 124 -13.53 5.28 3.67
N ASP A 125 -12.33 5.41 4.23
CA ASP A 125 -11.64 6.69 4.31
C ASP A 125 -10.53 6.85 3.29
N LEU A 126 -9.95 5.74 2.84
CA LEU A 126 -8.81 5.79 1.92
C LEU A 126 -8.84 4.54 1.06
N VAL A 127 -8.73 4.73 -0.25
CA VAL A 127 -8.66 3.61 -1.19
C VAL A 127 -7.31 3.66 -1.90
N ILE A 128 -6.53 2.58 -1.79
CA ILE A 128 -5.30 2.41 -2.53
C ILE A 128 -5.53 1.28 -3.53
N SER A 129 -5.21 1.53 -4.80
CA SER A 129 -5.30 0.49 -5.82
C SER A 129 -4.00 0.41 -6.60
N ASP A 130 -3.40 -0.78 -6.64
CA ASP A 130 -2.27 -1.08 -7.51
C ASP A 130 -2.69 -2.02 -8.63
N MET A 131 -3.99 -2.15 -8.87
CA MET A 131 -4.49 -3.12 -9.83
C MET A 131 -4.02 -2.79 -11.24
N TYR A 132 -3.71 -3.84 -11.99
CA TYR A 132 -3.33 -3.74 -13.40
C TYR A 132 -3.68 -5.08 -14.03
N ASP A 133 -4.40 -5.03 -15.16
CA ASP A 133 -4.81 -6.28 -15.81
C ASP A 133 -3.77 -6.68 -16.84
N PRO A 134 -3.31 -7.95 -16.84
CA PRO A 134 -2.28 -8.37 -17.80
C PRO A 134 -2.65 -8.15 -19.25
N THR A 135 -3.93 -8.20 -19.60
CA THR A 135 -4.33 -8.03 -21.00
C THR A 135 -3.99 -6.65 -21.53
N THR A 136 -3.79 -5.67 -20.64
CA THR A 136 -3.47 -4.32 -21.07
C THR A 136 -2.16 -4.28 -21.87
N LYS A 137 -1.27 -5.25 -21.63
CA LYS A 137 -0.04 -5.35 -22.40
C LYS A 137 -0.25 -5.77 -23.85
N ASN A 138 -1.46 -6.19 -24.22
CA ASN A 138 -1.75 -6.58 -25.60
C ASN A 138 -2.23 -5.36 -26.38
N VAL A 139 -1.28 -4.46 -26.65
CA VAL A 139 -1.58 -3.20 -27.32
C VAL A 139 -1.88 -3.50 -28.79
N THR A 140 -3.15 -3.40 -29.16
CA THR A 140 -3.59 -3.52 -30.56
C THR A 140 -4.45 -2.31 -30.89
N GLY A 141 -3.96 -1.46 -31.77
CA GLY A 141 -4.74 -0.33 -32.23
C GLY A 141 -4.80 0.81 -31.22
N SER A 142 -5.90 1.56 -31.29
CA SER A 142 -6.02 2.80 -30.55
C SER A 142 -6.00 2.57 -29.05
N ASN A 143 -5.34 3.47 -28.32
CA ASN A 143 -5.30 3.44 -26.86
C ASN A 143 -6.56 4.13 -26.35
N GLU A 144 -7.59 3.34 -26.07
CA GLU A 144 -8.89 3.86 -25.66
C GLU A 144 -9.09 3.69 -24.16
N SER A 145 -10.10 4.39 -23.64
CA SER A 145 -10.44 4.28 -22.24
C SER A 145 -10.77 2.84 -21.89
N LYS A 146 -10.33 2.40 -20.73
CA LYS A 146 -10.50 1.01 -20.32
C LYS A 146 -11.61 0.90 -19.28
N ALA A 147 -12.31 -0.24 -19.32
CA ALA A 147 -13.31 -0.56 -18.32
C ALA A 147 -12.66 -1.36 -17.21
N LEU A 148 -12.56 -2.68 -17.40
CA LEU A 148 -11.85 -3.55 -16.48
C LEU A 148 -12.29 -3.31 -15.04
N PHE A 149 -11.34 -3.17 -14.11
CA PHE A 149 -11.66 -2.91 -12.71
C PHE A 149 -12.02 -1.46 -12.44
N PHE A 150 -11.87 -0.56 -13.42
CA PHE A 150 -12.17 0.85 -13.17
C PHE A 150 -13.66 1.07 -12.96
N THR A 151 -14.50 0.27 -13.60
CA THR A 151 -15.95 0.40 -13.39
C THR A 151 -16.29 0.19 -11.93
N TYR A 152 -15.74 -0.87 -11.34
CA TYR A 152 -15.89 -1.11 -9.91
C TYR A 152 -15.40 0.07 -9.08
N LEU A 153 -14.20 0.57 -9.38
CA LEU A 153 -13.63 1.64 -8.57
C LEU A 153 -14.45 2.91 -8.66
N CYS A 154 -14.97 3.23 -9.85
CA CYS A 154 -15.77 4.43 -10.01
C CYS A 154 -17.05 4.34 -9.19
N ASN A 155 -17.69 3.18 -9.20
CA ASN A 155 -18.88 3.00 -8.39
C ASN A 155 -18.54 3.08 -6.91
N LEU A 156 -17.37 2.57 -6.51
CA LEU A 156 -16.93 2.68 -5.13
C LEU A 156 -16.83 4.14 -4.71
N ILE A 157 -16.17 4.96 -5.53
CA ILE A 157 -16.02 6.38 -5.21
C ILE A 157 -17.39 7.03 -5.05
N ASN A 158 -18.34 6.68 -5.91
CA ASN A 158 -19.65 7.31 -5.87
C ASN A 158 -20.51 6.84 -4.69
N ASN A 159 -20.18 5.71 -4.07
CA ASN A 159 -21.11 5.11 -3.11
C ASN A 159 -20.50 4.75 -1.77
N ASN A 160 -19.25 4.31 -1.76
CA ASN A 160 -18.65 3.74 -0.56
C ASN A 160 -17.42 4.50 -0.09
N LEU A 161 -17.29 5.76 -0.47
CA LEU A 161 -16.20 6.61 -0.02
C LEU A 161 -16.76 7.74 0.84
N ALA A 162 -16.23 7.89 2.04
CA ALA A 162 -16.66 8.97 2.92
C ALA A 162 -16.38 10.31 2.27
N LEU A 163 -17.26 11.29 2.53
CA LEU A 163 -16.92 12.66 2.22
C LEU A 163 -15.69 13.03 3.04
N GLY A 164 -14.70 13.65 2.38
CA GLY A 164 -13.41 13.87 2.99
C GLY A 164 -12.42 12.76 2.74
N GLY A 165 -12.86 11.60 2.29
CA GLY A 165 -11.95 10.50 2.00
C GLY A 165 -11.16 10.75 0.73
N SER A 166 -10.13 9.92 0.54
CA SER A 166 -9.21 10.10 -0.58
C SER A 166 -8.93 8.76 -1.25
N VAL A 167 -8.41 8.83 -2.48
CA VAL A 167 -8.06 7.64 -3.25
C VAL A 167 -6.70 7.85 -3.90
N ALA A 168 -6.00 6.74 -4.13
CA ALA A 168 -4.76 6.71 -4.89
C ALA A 168 -4.84 5.48 -5.78
N ILE A 169 -4.98 5.69 -7.09
CA ILE A 169 -5.33 4.60 -8.01
C ILE A 169 -4.30 4.53 -9.13
N LYS A 170 -3.63 3.39 -9.24
CA LYS A 170 -2.56 3.25 -10.20
C LYS A 170 -3.11 3.22 -11.62
N ILE A 171 -2.50 4.02 -12.49
CA ILE A 171 -2.79 4.03 -13.91
C ILE A 171 -1.47 3.94 -14.66
N THR A 172 -1.56 3.62 -15.94
CA THR A 172 -0.39 3.63 -16.82
C THR A 172 -0.81 4.29 -18.13
N GLU A 173 0.10 4.26 -19.11
CA GLU A 173 -0.23 4.84 -20.42
C GLU A 173 -1.48 4.17 -20.98
N HIS A 174 -1.59 2.85 -20.85
CA HIS A 174 -2.69 2.10 -21.44
C HIS A 174 -3.71 1.59 -20.42
N SER A 175 -3.40 1.61 -19.13
CA SER A 175 -4.35 1.23 -18.09
C SER A 175 -4.90 2.52 -17.49
N TRP A 176 -6.04 2.97 -18.00
CA TRP A 176 -6.61 4.24 -17.57
C TRP A 176 -8.09 4.26 -17.93
N SER A 177 -8.80 5.25 -17.36
CA SER A 177 -10.26 5.31 -17.45
C SER A 177 -10.69 6.76 -17.58
N VAL A 178 -11.47 7.06 -18.63
CA VAL A 178 -12.07 8.38 -18.78
C VAL A 178 -12.90 8.72 -17.54
N GLU A 179 -13.75 7.77 -17.13
CA GLU A 179 -14.66 8.01 -16.02
C GLU A 179 -13.91 8.32 -14.73
N LEU A 180 -12.79 7.62 -14.47
CA LEU A 180 -12.06 7.86 -13.24
C LEU A 180 -11.45 9.26 -13.21
N TYR A 181 -10.87 9.71 -14.33
CA TYR A 181 -10.37 11.08 -14.40
C TYR A 181 -11.47 12.08 -14.08
N GLU A 182 -12.64 11.90 -14.69
CA GLU A 182 -13.73 12.84 -14.47
C GLU A 182 -14.17 12.86 -13.00
N LEU A 183 -14.12 11.71 -12.33
CA LEU A 183 -14.47 11.66 -10.91
C LEU A 183 -13.50 12.44 -10.03
N MET A 184 -12.26 12.63 -10.49
CA MET A 184 -11.34 13.48 -9.74
C MET A 184 -11.89 14.89 -9.54
N GLY A 185 -12.78 15.33 -10.42
CA GLY A 185 -13.41 16.63 -10.27
C GLY A 185 -14.38 16.73 -9.13
N LYS A 186 -14.66 15.63 -8.45
CA LYS A 186 -15.53 15.62 -7.28
C LYS A 186 -14.74 15.62 -5.99
N PHE A 187 -13.43 15.81 -6.06
CA PHE A 187 -12.56 15.94 -4.90
C PHE A 187 -12.13 17.39 -4.75
N ALA A 188 -11.71 17.75 -3.53
CA ALA A 188 -11.20 19.09 -3.32
C ALA A 188 -9.97 19.38 -4.17
N TRP A 189 -9.14 18.37 -4.39
CA TRP A 189 -7.93 18.50 -5.19
C TRP A 189 -7.60 17.13 -5.78
N TRP A 190 -6.77 17.12 -6.82
CA TRP A 190 -6.39 15.88 -7.47
C TRP A 190 -5.08 16.11 -8.20
N THR A 191 -4.39 15.01 -8.48
CA THR A 191 -3.19 15.04 -9.31
C THR A 191 -2.87 13.61 -9.76
N VAL A 192 -1.79 13.47 -10.52
CA VAL A 192 -1.17 12.17 -10.76
C VAL A 192 0.24 12.22 -10.18
N PHE A 193 0.57 11.25 -9.34
CA PHE A 193 1.86 11.20 -8.67
C PHE A 193 2.66 10.02 -9.19
N CYS A 194 3.90 10.29 -9.61
CA CYS A 194 4.81 9.29 -10.12
C CYS A 194 5.99 9.17 -9.17
N THR A 195 6.18 7.99 -8.58
CA THR A 195 7.29 7.79 -7.66
C THR A 195 8.62 7.90 -8.39
N ASN A 196 9.65 8.35 -7.67
CA ASN A 196 10.98 8.35 -8.24
C ASN A 196 11.54 6.93 -8.34
N ALA A 197 11.06 6.02 -7.49
CA ALA A 197 11.56 4.64 -7.54
C ALA A 197 11.16 3.95 -8.83
N ASN A 198 10.06 4.37 -9.44
CA ASN A 198 9.56 3.77 -10.66
C ASN A 198 9.38 4.82 -11.75
N ALA A 199 10.27 5.81 -11.77
CA ALA A 199 10.14 6.93 -12.70
C ALA A 199 10.27 6.51 -14.15
N SER A 200 10.91 5.37 -14.41
CA SER A 200 11.10 4.88 -15.77
C SER A 200 9.85 4.23 -16.36
N SER A 201 8.77 4.15 -15.60
CA SER A 201 7.51 3.58 -16.06
C SER A 201 6.49 4.69 -16.25
N SER A 202 5.54 4.47 -17.16
CA SER A 202 4.44 5.42 -17.32
C SER A 202 3.41 5.30 -16.21
N GLU A 203 3.64 4.39 -15.26
CA GLU A 203 2.80 4.30 -14.07
C GLU A 203 2.67 5.66 -13.39
N GLY A 204 1.47 5.93 -12.88
CA GLY A 204 1.26 7.03 -11.98
C GLY A 204 0.08 6.68 -11.10
N PHE A 205 0.02 7.32 -9.93
CA PHE A 205 -1.10 7.15 -9.02
C PHE A 205 -2.02 8.36 -9.14
N LEU A 206 -3.19 8.13 -9.70
CA LEU A 206 -4.22 9.16 -9.80
C LEU A 206 -4.78 9.39 -8.40
N LEU A 207 -4.54 10.58 -7.86
CA LEU A 207 -4.91 10.91 -6.48
C LEU A 207 -6.15 11.79 -6.48
N GLY A 208 -7.17 11.38 -5.73
CA GLY A 208 -8.26 12.28 -5.43
C GLY A 208 -8.23 12.58 -3.95
N ILE A 209 -8.06 13.85 -3.56
CA ILE A 209 -7.86 14.22 -2.17
C ILE A 209 -9.09 14.95 -1.65
N ASN A 210 -9.74 14.35 -0.64
CA ASN A 210 -10.95 14.85 0.03
C ASN A 210 -12.18 14.85 -0.86
N TYR A 211 -12.92 13.74 -0.83
CA TYR A 211 -14.12 13.59 -1.65
C TYR A 211 -15.22 14.55 -1.19
N LEU A 212 -15.80 15.27 -2.15
CA LEU A 212 -16.86 16.22 -1.85
C LEU A 212 -18.24 15.78 -2.31
N GLY A 213 -18.33 14.72 -3.12
CA GLY A 213 -19.63 14.25 -3.58
C GLY A 213 -20.33 15.16 -4.57
N THR A 214 -19.66 16.21 -5.03
CA THR A 214 -20.25 17.15 -5.95
C THR A 214 -19.13 17.62 -6.87
N ILE A 215 -19.51 18.09 -8.06
CA ILE A 215 -18.53 18.37 -9.11
C ILE A 215 -17.92 19.74 -8.84
N LYS A 216 -16.63 19.74 -8.47
CA LYS A 216 -15.86 20.97 -8.26
C LYS A 216 -15.15 21.43 -9.53
N GLU A 217 -14.57 20.49 -10.27
CA GLU A 217 -13.87 20.77 -11.52
C GLU A 217 -14.47 19.91 -12.61
N ASN A 218 -14.85 20.53 -13.73
CA ASN A 218 -15.32 19.77 -14.89
C ASN A 218 -14.09 19.29 -15.66
N ILE A 219 -13.91 17.97 -15.72
CA ILE A 219 -12.73 17.37 -16.33
C ILE A 219 -13.16 16.57 -17.54
N ASP A 220 -12.51 16.79 -18.68
CA ASP A 220 -12.63 15.91 -19.83
C ASP A 220 -11.58 14.80 -19.66
N GLY A 221 -12.05 13.62 -19.27
CA GLY A 221 -11.12 12.55 -18.88
C GLY A 221 -10.20 12.13 -20.00
N GLY A 222 -10.74 12.02 -21.22
CA GLY A 222 -9.91 11.67 -22.37
C GLY A 222 -8.82 12.69 -22.63
N ALA A 223 -9.18 13.97 -22.61
CA ALA A 223 -8.18 15.03 -22.78
C ALA A 223 -7.19 15.06 -21.62
N MET A 224 -7.62 14.73 -20.41
CA MET A 224 -6.72 14.84 -19.27
C MET A 224 -5.65 13.75 -19.29
N HIS A 225 -6.01 12.54 -19.72
CA HIS A 225 -4.99 11.51 -19.89
C HIS A 225 -4.00 11.91 -20.98
N ALA A 226 -4.48 12.55 -22.04
CA ALA A 226 -3.56 13.08 -23.05
C ALA A 226 -2.62 14.09 -22.42
N ASN A 227 -3.12 14.91 -21.49
CA ASN A 227 -2.27 15.84 -20.77
C ASN A 227 -1.28 15.11 -19.87
N TYR A 228 -1.71 14.03 -19.23
CA TYR A 228 -0.80 13.27 -18.38
C TYR A 228 0.36 12.69 -19.20
N ILE A 229 0.05 12.13 -20.37
CA ILE A 229 1.09 11.59 -21.24
C ILE A 229 1.98 12.72 -21.76
N PHE A 230 1.38 13.85 -22.14
CA PHE A 230 2.16 15.02 -22.57
C PHE A 230 3.13 15.44 -21.47
N TRP A 231 2.67 15.44 -20.22
CA TRP A 231 3.53 15.76 -19.08
C TRP A 231 4.69 14.76 -18.96
N ARG A 232 4.38 13.46 -18.98
CA ARG A 232 5.44 12.45 -18.90
C ARG A 232 6.43 12.59 -20.04
N ASN A 233 5.93 12.87 -21.25
CA ASN A 233 6.82 13.02 -22.39
C ASN A 233 7.68 14.28 -22.29
N SER A 234 7.29 15.24 -21.45
CA SER A 234 7.95 16.54 -21.36
C SER A 234 8.85 16.69 -20.13
N THR A 235 8.84 15.73 -19.22
CA THR A 235 9.41 15.92 -17.89
C THR A 235 10.47 14.88 -17.58
N PRO A 236 11.76 15.26 -17.61
CA PRO A 236 12.80 14.33 -17.17
C PRO A 236 12.56 13.89 -15.73
N MET A 237 12.55 12.58 -15.51
CA MET A 237 12.41 12.01 -14.18
C MET A 237 13.50 10.96 -13.99
N ASN A 238 14.40 11.22 -13.04
CA ASN A 238 15.51 10.31 -12.78
C ASN A 238 15.13 9.33 -11.68
N LEU A 239 15.41 8.05 -11.92
CA LEU A 239 15.21 7.04 -10.90
C LEU A 239 15.98 7.41 -9.65
N SER A 240 15.33 7.31 -8.50
CA SER A 240 15.96 7.73 -7.25
C SER A 240 15.11 7.27 -6.09
N THR A 241 15.78 6.85 -5.01
CA THR A 241 15.12 6.59 -3.73
C THR A 241 15.74 7.41 -2.60
N TYR A 242 16.39 8.52 -2.95
CA TYR A 242 17.01 9.38 -1.94
C TYR A 242 16.03 9.81 -0.86
N SER A 243 14.75 9.98 -1.21
CA SER A 243 13.74 10.39 -0.23
C SER A 243 13.61 9.40 0.91
N LEU A 244 13.98 8.13 0.70
CA LEU A 244 13.89 7.12 1.73
C LEU A 244 15.13 7.05 2.61
N PHE A 245 16.09 7.97 2.43
CA PHE A 245 17.31 7.96 3.22
C PHE A 245 17.07 8.46 4.64
N ASP A 246 16.07 9.33 4.83
CA ASP A 246 15.68 9.84 6.13
C ASP A 246 14.20 9.54 6.33
N LEU A 247 13.90 8.56 7.18
CA LEU A 247 12.54 8.10 7.44
C LEU A 247 12.03 8.55 8.80
N SER A 248 12.64 9.57 9.40
CA SER A 248 12.30 9.96 10.76
C SER A 248 10.87 10.49 10.88
N LYS A 249 10.31 11.01 9.79
CA LYS A 249 8.95 11.55 9.79
C LYS A 249 8.06 10.80 8.82
N PHE A 250 8.31 9.51 8.64
CA PHE A 250 7.59 8.77 7.61
C PHE A 250 6.14 8.52 7.99
N GLN A 251 5.87 8.24 9.26
CA GLN A 251 4.54 7.82 9.67
C GLN A 251 3.52 8.91 9.39
N LEU A 252 2.31 8.47 9.02
CA LEU A 252 1.21 9.40 8.79
C LEU A 252 0.90 10.16 10.07
N LYS A 253 0.73 11.48 9.95
CA LYS A 253 0.43 12.31 11.10
C LYS A 253 -0.87 11.84 11.75
N LEU A 254 -0.88 11.76 13.08
CA LEU A 254 -2.05 11.32 13.84
C LEU A 254 -2.96 12.54 14.05
N LYS A 255 -3.76 12.83 13.03
CA LYS A 255 -4.52 14.08 13.01
C LYS A 255 -5.75 14.03 13.90
N GLY A 256 -6.27 12.85 14.23
CA GLY A 256 -7.51 12.76 15.00
C GLY A 256 -8.70 13.37 14.29
N THR A 257 -8.81 13.17 12.98
CA THR A 257 -9.86 13.81 12.20
C THR A 257 -11.24 13.33 12.67
N PRO A 258 -12.16 14.24 12.98
CA PRO A 258 -13.49 13.81 13.45
C PRO A 258 -14.30 13.17 12.33
N VAL A 259 -15.18 12.26 12.74
CA VAL A 259 -16.15 11.62 11.84
C VAL A 259 -17.53 12.06 12.28
N LEU A 260 -18.29 12.63 11.35
CA LEU A 260 -19.60 13.20 11.64
C LEU A 260 -20.62 12.56 10.70
N GLN A 261 -21.83 12.36 11.20
CA GLN A 261 -22.97 11.98 10.36
C GLN A 261 -23.81 13.22 10.11
N LEU A 262 -24.00 13.55 8.82
CA LEU A 262 -24.77 14.71 8.42
C LEU A 262 -25.65 14.34 7.24
N LYS A 263 -26.86 14.87 7.22
CA LYS A 263 -27.68 14.80 6.02
C LYS A 263 -27.10 15.72 4.95
N GLU A 264 -27.26 15.31 3.69
CA GLU A 264 -26.69 16.10 2.60
C GLU A 264 -27.26 17.52 2.59
N SER A 265 -28.48 17.70 3.08
CA SER A 265 -29.07 19.04 3.15
C SER A 265 -28.41 19.90 4.22
N GLN A 266 -27.71 19.30 5.17
CA GLN A 266 -27.01 20.03 6.21
C GLN A 266 -25.62 20.48 5.81
N ILE A 267 -25.10 19.97 4.69
CA ILE A 267 -23.74 20.29 4.26
C ILE A 267 -23.74 21.72 3.73
N ASN A 268 -23.11 22.63 4.47
CA ASN A 268 -23.01 24.03 4.11
C ASN A 268 -21.57 24.38 3.79
N GLU A 269 -21.30 25.68 3.63
CA GLU A 269 -19.96 26.12 3.21
C GLU A 269 -18.92 25.78 4.26
N LEU A 270 -19.26 25.88 5.55
CA LEU A 270 -18.33 25.49 6.59
C LEU A 270 -17.91 24.03 6.46
N VAL A 271 -18.90 23.15 6.23
CA VAL A 271 -18.61 21.72 6.14
C VAL A 271 -17.73 21.43 4.94
N ILE A 272 -18.09 21.98 3.77
CA ILE A 272 -17.27 21.79 2.58
C ILE A 272 -15.84 22.28 2.81
N SER A 273 -15.70 23.42 3.48
CA SER A 273 -14.38 23.94 3.79
C SER A 273 -13.59 22.97 4.66
N LEU A 274 -14.23 22.44 5.71
CA LEU A 274 -13.55 21.47 6.58
C LEU A 274 -13.18 20.21 5.81
N LEU A 275 -14.12 19.68 5.01
CA LEU A 275 -13.82 18.51 4.19
C LEU A 275 -12.63 18.77 3.27
N SER A 276 -12.57 19.96 2.67
CA SER A 276 -11.52 20.27 1.70
C SER A 276 -10.16 20.47 2.35
N GLN A 277 -10.11 20.71 3.66
CA GLN A 277 -8.87 20.91 4.39
C GLN A 277 -8.38 19.63 5.06
N GLY A 278 -9.05 18.51 4.85
CA GLY A 278 -8.67 17.30 5.56
C GLY A 278 -9.02 17.32 7.03
N LYS A 279 -10.00 18.12 7.42
CA LYS A 279 -10.33 18.32 8.81
C LYS A 279 -11.63 17.64 9.22
N LEU A 280 -12.27 16.90 8.31
CA LEU A 280 -13.56 16.31 8.61
C LEU A 280 -13.84 15.15 7.66
N LEU A 281 -14.47 14.11 8.19
CA LEU A 281 -15.05 13.06 7.39
C LEU A 281 -16.55 13.00 7.69
N ILE A 282 -17.34 12.68 6.68
CA ILE A 282 -18.76 12.42 6.86
C ILE A 282 -19.05 11.01 6.37
N ARG A 283 -19.44 10.14 7.30
CA ARG A 283 -19.80 8.77 6.97
C ARG A 283 -20.41 8.16 8.23
N ASP A 284 -20.83 6.91 8.11
CA ASP A 284 -21.26 6.15 9.27
C ASP A 284 -20.10 5.96 10.25
N ASN A 285 -20.45 5.73 11.50
CA ASN A 285 -19.51 5.21 12.49
C ASN A 285 -19.98 3.85 13.00
N ASP A 286 -20.57 3.06 12.12
CA ASP A 286 -20.97 1.70 12.46
C ASP A 286 -19.71 0.85 12.69
N THR A 287 -19.92 -0.46 12.78
CA THR A 287 -18.81 -1.39 12.74
C THR A 287 -18.58 -1.80 11.29
N LEU A 288 -17.35 -1.64 10.82
CA LEU A 288 -17.05 -1.89 9.42
C LEU A 288 -17.22 -3.36 9.09
N SER A 289 -17.89 -3.62 7.96
CA SER A 289 -18.15 -4.97 7.48
C SER A 289 -17.75 -5.03 6.01
N VAL A 290 -16.73 -5.82 5.70
CA VAL A 290 -16.24 -5.97 4.32
C VAL A 290 -16.04 -7.46 4.08
N SER A 291 -16.80 -8.02 3.16
CA SER A 291 -16.83 -9.46 2.93
C SER A 291 -16.76 -9.75 1.43
N THR A 292 -16.67 -11.04 1.12
CA THR A 292 -16.77 -11.52 -0.25
C THR A 292 -18.22 -11.86 -0.56
N ASP A 293 -18.65 -11.54 -1.79
CA ASP A 293 -19.96 -11.97 -2.26
C ASP A 293 -19.82 -13.17 -3.17
N SER B 11 9.61 -22.49 -3.17
CA SER B 11 8.32 -23.06 -2.80
C SER B 11 8.41 -24.56 -2.59
N SER B 12 9.64 -25.10 -2.64
CA SER B 12 9.85 -26.50 -2.33
C SER B 12 9.64 -26.76 -0.85
N VAL B 13 10.35 -26.03 0.00
CA VAL B 13 10.19 -26.19 1.45
C VAL B 13 8.76 -25.89 1.87
N LEU B 14 8.09 -24.97 1.19
CA LEU B 14 6.68 -24.70 1.48
C LEU B 14 5.83 -25.93 1.22
N SER B 15 6.15 -26.68 0.17
CA SER B 15 5.45 -27.95 -0.06
C SER B 15 5.81 -28.97 1.00
N LEU B 16 7.07 -28.95 1.48
CA LEU B 16 7.55 -29.99 2.40
C LEU B 16 6.81 -29.95 3.73
N VAL B 17 6.58 -28.74 4.27
CA VAL B 17 5.95 -28.63 5.58
C VAL B 17 4.47 -28.98 5.56
N ASN B 18 3.91 -29.32 4.40
CA ASN B 18 2.58 -29.90 4.30
C ASN B 18 2.60 -31.43 4.43
N PHE B 19 3.78 -32.03 4.47
CA PHE B 19 3.91 -33.48 4.52
C PHE B 19 4.38 -33.96 5.90
N THR B 20 4.10 -33.18 6.93
CA THR B 20 4.65 -33.45 8.25
C THR B 20 3.67 -33.04 9.34
N VAL B 21 3.88 -33.62 10.52
CA VAL B 21 3.09 -33.30 11.70
C VAL B 21 3.71 -32.18 12.52
N ASP B 22 5.00 -31.89 12.33
CA ASP B 22 5.73 -30.89 13.10
C ASP B 22 6.37 -29.92 12.11
N PRO B 23 5.60 -28.94 11.61
CA PRO B 23 6.14 -28.02 10.60
C PRO B 23 7.36 -27.24 11.08
N GLN B 24 7.38 -26.82 12.34
CA GLN B 24 8.55 -26.14 12.89
C GLN B 24 9.80 -26.99 12.73
N LYS B 25 9.76 -28.23 13.22
CA LYS B 25 10.91 -29.11 13.14
C LYS B 25 11.25 -29.43 11.68
N ALA B 26 10.21 -29.59 10.85
CA ALA B 26 10.44 -29.89 9.43
C ALA B 26 11.24 -28.80 8.75
N TYR B 27 10.83 -27.53 8.94
CA TYR B 27 11.58 -26.43 8.36
C TYR B 27 12.99 -26.36 8.92
N LEU B 28 13.13 -26.48 10.23
CA LEU B 28 14.44 -26.32 10.85
C LEU B 28 15.39 -27.44 10.44
N ASP B 29 14.91 -28.69 10.40
CA ASP B 29 15.75 -29.78 9.91
C ASP B 29 16.16 -29.55 8.47
N PHE B 30 15.26 -29.02 7.66
CA PHE B 30 15.54 -28.74 6.26
C PHE B 30 16.64 -27.70 6.13
N VAL B 31 16.48 -26.53 6.77
CA VAL B 31 17.50 -25.49 6.65
C VAL B 31 18.79 -25.94 7.33
N ASN B 32 18.70 -26.65 8.46
CA ASN B 32 19.92 -27.09 9.15
C ASN B 32 20.70 -28.12 8.34
N ALA B 33 20.07 -28.77 7.35
CA ALA B 33 20.75 -29.73 6.50
C ALA B 33 21.12 -29.14 5.14
N GLY B 34 21.13 -27.81 5.02
CA GLY B 34 21.55 -27.15 3.80
C GLY B 34 20.44 -26.72 2.88
N GLY B 35 19.19 -26.89 3.28
CA GLY B 35 18.09 -26.43 2.44
C GLY B 35 18.06 -24.92 2.31
N ALA B 36 17.61 -24.45 1.16
CA ALA B 36 17.53 -23.02 0.92
C ALA B 36 16.47 -22.41 1.83
N PRO B 37 16.81 -21.40 2.63
CA PRO B 37 15.79 -20.74 3.45
C PRO B 37 14.68 -20.17 2.59
N LEU B 38 13.50 -20.02 3.20
CA LEU B 38 12.39 -19.38 2.53
C LEU B 38 12.77 -17.95 2.14
N THR B 39 12.45 -17.57 0.91
CA THR B 39 12.78 -16.25 0.40
C THR B 39 11.55 -15.35 0.47
N ASN B 40 11.72 -14.13 -0.06
CA ASN B 40 10.64 -13.16 -0.24
C ASN B 40 10.00 -12.73 1.08
N CYS B 41 10.71 -12.91 2.20
CA CYS B 41 10.29 -12.23 3.42
C CYS B 41 10.30 -10.74 3.18
N VAL B 42 9.32 -10.03 3.73
CA VAL B 42 9.08 -8.64 3.38
C VAL B 42 9.90 -7.78 4.35
N LYS B 43 11.08 -7.37 3.90
CA LYS B 43 12.02 -6.56 4.68
C LYS B 43 11.69 -5.08 4.52
N MET B 44 11.49 -4.40 5.64
CA MET B 44 11.10 -3.00 5.65
C MET B 44 12.32 -2.10 5.61
N LEU B 45 12.11 -0.85 5.22
CA LEU B 45 13.10 0.20 5.40
C LEU B 45 12.69 1.05 6.60
N THR B 46 13.59 1.19 7.57
CA THR B 46 13.27 1.73 8.86
C THR B 46 14.36 2.68 9.31
N PRO B 47 14.02 3.69 10.10
CA PRO B 47 15.07 4.40 10.84
C PRO B 47 15.54 3.52 11.99
N LYS B 48 16.76 3.02 11.91
CA LYS B 48 17.21 2.05 12.90
C LYS B 48 17.37 2.73 14.26
N THR B 49 16.29 3.31 14.76
CA THR B 49 16.25 4.02 16.04
C THR B 49 15.21 3.43 16.99
N GLY B 50 14.81 2.17 16.76
CA GLY B 50 13.74 1.57 17.53
C GLY B 50 14.18 1.08 18.90
N THR B 51 13.22 0.52 19.62
CA THR B 51 13.52 -0.03 20.95
C THR B 51 14.28 -1.35 20.84
N GLY B 52 14.04 -2.13 19.80
CA GLY B 52 14.70 -3.40 19.62
C GLY B 52 13.93 -4.61 20.09
N ILE B 53 12.68 -4.44 20.53
CA ILE B 53 11.89 -5.58 20.98
C ILE B 53 11.65 -6.53 19.80
N ALA B 54 11.23 -7.74 20.14
CA ALA B 54 11.05 -8.78 19.14
C ALA B 54 9.91 -8.44 18.17
N ILE B 55 8.70 -8.31 18.70
CA ILE B 55 7.49 -8.11 17.91
C ILE B 55 6.85 -6.79 18.34
N SER B 56 6.49 -5.96 17.36
CA SER B 56 6.02 -4.62 17.67
C SER B 56 4.99 -4.16 16.65
N VAL B 57 4.18 -3.19 17.06
CA VAL B 57 3.11 -2.69 16.20
C VAL B 57 3.69 -1.83 15.07
N LYS B 58 4.73 -1.08 15.36
CA LYS B 58 5.50 -0.34 14.36
C LYS B 58 6.92 -0.89 14.34
N PRO B 59 7.67 -0.66 13.25
CA PRO B 59 9.05 -1.15 13.20
C PRO B 59 9.88 -0.60 14.35
N GLU B 60 10.70 -1.47 14.94
CA GLU B 60 11.50 -1.10 16.11
C GLU B 60 12.94 -1.60 15.99
N SER B 61 13.47 -1.68 14.78
CA SER B 61 14.85 -2.13 14.59
C SER B 61 15.83 -1.15 15.20
N THR B 62 16.80 -1.69 15.95
CA THR B 62 17.99 -0.95 16.31
C THR B 62 18.99 -0.99 15.15
N ALA B 63 20.16 -0.39 15.36
CA ALA B 63 21.19 -0.42 14.34
C ALA B 63 21.68 -1.83 14.04
N ASP B 64 21.43 -2.79 14.94
CA ASP B 64 21.87 -4.16 14.78
C ASP B 64 20.78 -5.08 14.27
N GLN B 65 19.67 -4.54 13.78
CA GLN B 65 18.51 -5.33 13.43
C GLN B 65 17.96 -4.93 12.07
N GLU B 66 17.11 -5.81 11.53
CA GLU B 66 16.25 -5.49 10.39
C GLU B 66 14.82 -5.84 10.79
N THR B 67 13.87 -5.10 10.23
CA THR B 67 12.47 -5.27 10.52
C THR B 67 11.78 -5.93 9.33
N TYR B 68 10.94 -6.92 9.60
CA TYR B 68 10.19 -7.60 8.56
C TYR B 68 8.70 -7.51 8.85
N GLY B 69 7.90 -7.49 7.78
CA GLY B 69 6.46 -7.64 7.93
C GLY B 69 6.18 -8.99 8.55
N GLY B 70 5.32 -9.02 9.57
CA GLY B 70 5.20 -10.20 10.41
C GLY B 70 4.69 -11.42 9.67
N ALA B 71 3.63 -11.26 8.86
CA ALA B 71 3.05 -12.40 8.16
C ALA B 71 4.08 -13.07 7.27
N SER B 72 4.99 -12.28 6.68
CA SER B 72 5.93 -12.82 5.70
C SER B 72 7.00 -13.70 6.33
N VAL B 73 7.28 -13.54 7.63
CA VAL B 73 8.27 -14.39 8.30
C VAL B 73 7.63 -15.50 9.11
N CYS B 74 6.30 -15.61 9.08
CA CYS B 74 5.61 -16.65 9.82
C CYS B 74 5.43 -17.88 8.92
N LEU B 75 6.02 -19.01 9.33
CA LEU B 75 5.92 -20.23 8.53
C LEU B 75 4.46 -20.64 8.32
N TYR B 76 3.63 -20.50 9.35
CA TYR B 76 2.24 -20.93 9.25
C TYR B 76 1.45 -20.02 8.34
N CYS B 77 1.78 -18.71 8.33
CA CYS B 77 1.19 -17.80 7.36
C CYS B 77 1.65 -18.15 5.95
N ARG B 78 2.97 -18.25 5.74
CA ARG B 78 3.50 -18.45 4.40
C ARG B 78 3.04 -19.78 3.80
N ALA B 79 2.96 -20.83 4.61
CA ALA B 79 2.61 -22.16 4.14
C ALA B 79 1.11 -22.41 4.18
N HIS B 80 0.31 -21.44 4.63
CA HIS B 80 -1.15 -21.55 4.70
C HIS B 80 -1.57 -22.81 5.47
N ILE B 81 -0.97 -22.99 6.65
CA ILE B 81 -1.30 -24.11 7.52
C ILE B 81 -1.73 -23.55 8.87
N GLU B 82 -2.30 -24.43 9.70
CA GLU B 82 -2.86 -24.00 10.97
C GLU B 82 -1.77 -23.47 11.90
N HIS B 83 -2.08 -22.36 12.57
CA HIS B 83 -1.16 -21.83 13.57
C HIS B 83 -1.26 -22.67 14.85
N PRO B 84 -0.13 -22.89 15.54
CA PRO B 84 -0.17 -23.73 16.74
C PRO B 84 -0.69 -23.02 17.97
N ASP B 85 -0.72 -21.69 17.97
CA ASP B 85 -1.20 -20.93 19.12
C ASP B 85 -2.58 -21.42 19.54
N VAL B 86 -2.74 -21.69 20.84
CA VAL B 86 -3.99 -22.24 21.35
C VAL B 86 -5.17 -21.33 21.03
N SER B 87 -4.94 -20.02 21.01
CA SER B 87 -6.00 -19.07 20.68
C SER B 87 -6.26 -18.98 19.18
N GLY B 88 -5.41 -19.58 18.34
CA GLY B 88 -5.56 -19.50 16.90
C GLY B 88 -5.09 -18.20 16.28
N VAL B 89 -4.76 -17.19 17.09
CA VAL B 89 -4.26 -15.92 16.57
C VAL B 89 -2.76 -16.05 16.31
N CYS B 90 -2.32 -15.56 15.15
CA CYS B 90 -0.90 -15.54 14.84
C CYS B 90 -0.21 -14.42 15.61
N LYS B 91 0.98 -14.71 16.12
CA LYS B 91 1.70 -13.73 16.92
C LYS B 91 2.41 -12.68 16.09
N TYR B 92 2.62 -12.93 14.79
CA TYR B 92 3.34 -11.99 13.92
C TYR B 92 2.42 -11.20 13.00
N LYS B 93 1.37 -11.85 12.48
CA LYS B 93 0.56 -11.26 11.42
C LYS B 93 -0.01 -9.92 11.84
N GLY B 94 0.08 -8.94 10.94
CA GLY B 94 -0.36 -7.60 11.25
C GLY B 94 0.59 -6.80 12.11
N LYS B 95 1.76 -7.36 12.43
CA LYS B 95 2.76 -6.70 13.27
C LYS B 95 4.11 -6.77 12.57
N PHE B 96 5.12 -6.22 13.22
CA PHE B 96 6.47 -6.21 12.69
C PHE B 96 7.39 -7.01 13.60
N VAL B 97 8.34 -7.71 12.99
CA VAL B 97 9.25 -8.60 13.69
C VAL B 97 10.68 -8.14 13.42
N GLN B 98 11.43 -7.92 14.50
CA GLN B 98 12.83 -7.50 14.40
C GLN B 98 13.74 -8.73 14.41
N ILE B 99 14.65 -8.78 13.44
CA ILE B 99 15.59 -9.89 13.31
C ILE B 99 16.99 -9.34 13.51
N PRO B 100 17.87 -10.03 14.26
CA PRO B 100 19.28 -9.64 14.28
C PRO B 100 19.85 -9.58 12.87
N ALA B 101 20.66 -8.56 12.61
CA ALA B 101 21.15 -8.32 11.26
C ALA B 101 21.99 -9.48 10.74
N GLN B 102 22.63 -10.24 11.63
CA GLN B 102 23.44 -11.37 11.19
C GLN B 102 22.61 -12.60 10.86
N CYS B 103 21.28 -12.54 11.05
CA CYS B 103 20.41 -13.67 10.80
C CYS B 103 19.43 -13.42 9.66
N VAL B 104 19.62 -12.35 8.88
CA VAL B 104 18.70 -12.05 7.78
C VAL B 104 18.73 -13.10 6.67
N ARG B 105 19.70 -14.02 6.70
CA ARG B 105 19.74 -15.06 5.69
C ARG B 105 18.53 -15.99 5.78
N ASP B 106 17.96 -16.14 6.97
CA ASP B 106 16.83 -17.03 7.19
C ASP B 106 15.95 -16.44 8.29
N PRO B 107 15.18 -15.39 7.97
CA PRO B 107 14.28 -14.81 8.98
C PRO B 107 13.28 -15.81 9.53
N VAL B 108 12.74 -16.68 8.68
CA VAL B 108 11.74 -17.65 9.15
C VAL B 108 12.39 -18.66 10.10
N GLY B 109 13.59 -19.13 9.76
CA GLY B 109 14.28 -20.06 10.64
C GLY B 109 14.60 -19.45 11.99
N PHE B 110 15.02 -18.18 12.00
CA PHE B 110 15.31 -17.51 13.26
C PHE B 110 14.05 -17.45 14.13
N CYS B 111 12.91 -17.09 13.53
CA CYS B 111 11.69 -16.98 14.31
C CYS B 111 11.26 -18.33 14.86
N LEU B 112 11.40 -19.39 14.07
CA LEU B 112 11.05 -20.72 14.56
C LEU B 112 12.04 -21.22 15.61
N SER B 113 13.22 -20.62 15.71
CA SER B 113 14.28 -21.10 16.58
C SER B 113 14.39 -20.32 17.89
N ASN B 114 13.61 -19.25 18.07
CA ASN B 114 13.77 -18.40 19.23
C ASN B 114 12.40 -17.98 19.77
N THR B 115 12.43 -17.42 20.98
CA THR B 115 11.24 -17.09 21.73
C THR B 115 11.45 -15.74 22.41
N PRO B 116 10.51 -14.80 22.26
CA PRO B 116 10.65 -13.53 22.98
C PRO B 116 10.47 -13.71 24.47
N CYS B 117 11.15 -12.85 25.23
CA CYS B 117 11.10 -12.92 26.69
C CYS B 117 9.69 -12.68 27.19
N ASN B 118 9.16 -13.65 27.94
CA ASN B 118 7.79 -13.52 28.45
C ASN B 118 7.65 -12.38 29.45
N VAL B 119 8.74 -11.77 29.90
CA VAL B 119 8.69 -10.65 30.83
C VAL B 119 9.07 -9.34 30.17
N CYS B 120 10.04 -9.34 29.24
CA CYS B 120 10.51 -8.12 28.62
C CYS B 120 10.28 -8.06 27.11
N GLN B 121 9.80 -9.14 26.51
CA GLN B 121 9.43 -9.22 25.09
C GLN B 121 10.59 -8.91 24.15
N TYR B 122 11.82 -8.85 24.66
CA TYR B 122 13.00 -8.89 23.81
C TYR B 122 13.35 -10.35 23.50
N TRP B 123 14.03 -10.56 22.38
CA TRP B 123 14.48 -11.90 22.04
C TRP B 123 15.42 -12.43 23.12
N ILE B 124 15.12 -13.61 23.64
CA ILE B 124 16.02 -14.25 24.59
C ILE B 124 17.31 -14.61 23.86
N GLY B 125 18.43 -14.08 24.35
CA GLY B 125 19.71 -14.24 23.69
C GLY B 125 20.06 -13.14 22.71
N TYR B 126 19.08 -12.34 22.29
CA TYR B 126 19.32 -11.24 21.35
C TYR B 126 18.59 -9.99 21.83
N GLY B 127 18.93 -9.54 23.05
CA GLY B 127 18.36 -8.33 23.57
C GLY B 127 17.83 -8.44 24.99
N CYS B 128 17.25 -9.59 25.34
CA CYS B 128 16.67 -9.75 26.66
C CYS B 128 17.76 -9.84 27.71
N ASN B 129 17.71 -8.95 28.70
CA ASN B 129 18.76 -8.83 29.71
C ASN B 129 18.30 -9.30 31.09
N CYS B 130 17.20 -10.04 31.16
CA CYS B 130 16.66 -10.49 32.44
C CYS B 130 17.36 -11.75 32.94
N SAH C . 0.76 -4.14 -5.07
CA SAH C . 1.40 -5.45 -5.28
CB SAH C . 1.73 -5.68 -6.76
CG SAH C . 0.43 -5.82 -7.56
SD SAH C . 0.72 -6.19 -9.34
C SAH C . 2.69 -5.52 -4.44
O SAH C . 3.58 -6.31 -4.84
OXT SAH C . 2.75 -4.80 -3.41
C5' SAH C . -0.95 -5.91 -10.03
C4' SAH C . -2.06 -6.71 -9.33
O4' SAH C . -3.34 -6.35 -9.90
C3' SAH C . -1.91 -8.22 -9.59
O3' SAH C . -1.73 -8.89 -8.34
C2' SAH C . -3.28 -8.53 -10.17
O2' SAH C . -3.70 -9.84 -9.78
C1' SAH C . -4.15 -7.46 -9.52
N9 SAH C . -5.51 -7.36 -10.17
C8 SAH C . -5.72 -7.10 -11.46
N7 SAH C . -7.04 -7.08 -11.67
C5 SAH C . -7.64 -7.32 -10.51
C6 SAH C . -8.95 -7.40 -10.20
N6 SAH C . -9.82 -7.22 -11.19
N1 SAH C . -9.35 -7.66 -8.96
C2 SAH C . -8.39 -7.84 -7.96
N3 SAH C . -7.04 -7.75 -8.31
C4 SAH C . -6.70 -7.49 -9.58
PA GTG D . 1.55 -0.06 -20.29
O1A GTG D . 0.52 1.00 -20.13
O2A GTG D . 1.84 -1.12 -19.30
O3A GTG D . 2.56 0.93 -19.44
PB GTG D . 4.19 0.79 -19.21
O1B GTG D . 4.87 -0.43 -19.73
O2B GTG D . 4.83 1.75 -18.27
O3B GTG D . 3.82 -0.07 -17.88
N9A GTG D . 5.38 1.37 -23.83
C8A GTG D . 4.85 2.04 -22.81
N7A GTG D . 5.70 3.02 -22.49
C7X GTG D . 5.45 3.97 -21.40
C5A GTG D . 6.76 2.95 -23.31
C6A GTG D . 7.88 3.67 -23.42
O6A GTG D . 8.13 4.62 -22.68
N1A GTG D . 8.82 3.34 -24.40
C2A GTG D . 8.56 2.26 -25.25
N2A GTG D . 9.42 1.92 -26.20
N3A GTG D . 7.42 1.58 -25.09
C4A GTG D . 6.55 1.92 -24.14
O5D GTG D . 2.50 0.06 -21.59
C5D GTG D . 2.00 -0.69 -22.72
C4D GTG D . 3.12 -0.97 -23.72
O4D GTG D . 3.44 0.22 -24.46
C3D GTG D . 4.38 -1.28 -22.96
O3D GTG D . 4.34 -2.63 -22.46
C2D GTG D . 5.32 -1.16 -24.10
O2D GTG D . 4.99 -2.15 -25.08
C1D GTG D . 4.88 0.21 -24.60
PG GTG D . 4.98 -0.93 -17.08
O1G GTG D . 5.12 -2.38 -17.40
O2G GTG D . 5.68 -0.30 -15.92
O5E GTG D . 3.77 -1.36 -16.10
C5E GTG D . 3.94 -1.34 -14.68
C4E GTG D . 2.93 -2.25 -13.96
O4E GTG D . 2.68 -3.53 -14.59
C3E GTG D . 3.58 -2.78 -12.71
O3E GTG D . 3.88 -1.74 -11.77
C2E GTG D . 2.44 -3.63 -12.22
O2E GTG D . 1.39 -2.78 -11.80
C1E GTG D . 2.03 -4.32 -13.53
N9B GTG D . 2.50 -5.72 -13.48
C8B GTG D . 3.88 -6.17 -13.53
N7B GTG D . 3.78 -7.42 -12.79
C5B GTG D . 2.50 -7.80 -12.84
C6B GTG D . 1.97 -8.98 -12.53
O6B GTG D . 2.68 -9.90 -12.14
N1B GTG D . 0.59 -9.18 -12.65
C2B GTG D . -0.19 -8.10 -13.09
N2B GTG D . -1.51 -8.25 -13.22
N3B GTG D . 0.40 -6.94 -13.37
C4B GTG D . 1.74 -6.78 -13.27
ZN ZN E . 1.16 -16.54 11.05
ZN ZN F . 13.74 -10.24 29.45
#